data_4BAH
#
_entry.id   4BAH
#
_cell.length_a   69.410
_cell.length_b   71.510
_cell.length_c   72.160
_cell.angle_alpha   90.00
_cell.angle_beta   100.34
_cell.angle_gamma   90.00
#
_symmetry.space_group_name_H-M   'C 1 2 1'
#
loop_
_entity.id
_entity.type
_entity.pdbx_description
1 polymer 'THROMBIN LIGHT CHAIN'
2 polymer 'THROMBIN HEAVY CHAIN'
3 polymer 'HIRUDIN VARIANT-1'
4 non-polymer 2-acetamido-2-deoxy-beta-D-glucopyranose
5 non-polymer '[((1R)-2-{(2S)-2-[({4-[AMINO(IMINO)METHYL]BENZYL}AMINO)CARBONYL]AZETIDINYL}-1-CYCLOHEXYL-2-OXOETHYL)AMINO]ACETIC ACID'
6 non-polymer 'SODIUM ION'
7 water water
#
loop_
_entity_poly.entity_id
_entity_poly.type
_entity_poly.pdbx_seq_one_letter_code
_entity_poly.pdbx_strand_id
1 'polypeptide(L)' TFGSGEADCGLRPLFEKKSLEDKTERELLESYIDGR A
2 'polypeptide(L)'
;IVEGSDAEIGMSPWQVMLFRKSPQELLCGASLISDRWVLTAAHCLLYPPWDKNFTENDLLVRIGKHSRTRYERNIEKISM
LEKIYIHPRYNWRENLDRDIALMKLKKPVAFSDYIHPVCLPDRETAASLLQAGYKGRVTGWGNLKETWTANVGKGQPSVL
QVVNLPIVERPVCKDSTRIRITDNMFCAGYKPDEGKRGDACEGDSGGPFVMKSPFNNRWYQMGIVSWGEGCDRDGKYGFY
THVFRLKKWIQKVIDQFGE
;
B
3 'polypeptide(L)' DGDFEEIPGE(TYS)L D
#
# COMPACT_ATOMS: atom_id res chain seq x y z
N GLU A 6 13.48 -5.16 -10.03
CA GLU A 6 14.14 -6.41 -10.45
C GLU A 6 13.45 -7.07 -11.64
N ALA A 7 14.13 -8.07 -12.23
CA ALA A 7 13.64 -8.85 -13.37
C ALA A 7 12.47 -9.77 -12.96
N ASP A 8 12.38 -10.09 -11.66
CA ASP A 8 11.38 -10.96 -11.08
C ASP A 8 10.24 -10.23 -10.31
N CYS A 9 10.24 -8.88 -10.32
CA CYS A 9 9.24 -8.11 -9.59
C CYS A 9 7.79 -8.49 -10.00
N GLY A 10 6.87 -8.41 -9.04
CA GLY A 10 5.44 -8.55 -9.28
C GLY A 10 4.97 -9.91 -9.71
N LEU A 11 5.82 -10.96 -9.53
CA LEU A 11 5.43 -12.34 -9.86
C LEU A 11 5.46 -13.10 -8.57
N ARG A 12 4.28 -13.50 -8.10
CA ARG A 12 4.15 -14.14 -6.80
C ARG A 12 4.54 -15.61 -6.82
N PRO A 13 5.40 -16.01 -5.85
CA PRO A 13 5.83 -17.43 -5.78
C PRO A 13 4.68 -18.42 -5.64
N LEU A 14 3.59 -18.01 -4.97
CA LEU A 14 2.48 -18.91 -4.75
C LEU A 14 1.37 -18.82 -5.77
N PHE A 15 1.49 -17.86 -6.71
CA PHE A 15 0.48 -17.64 -7.73
C PHE A 15 1.08 -17.69 -9.15
N GLU A 16 1.55 -16.54 -9.71
CA GLU A 16 2.13 -16.48 -11.06
C GLU A 16 3.25 -17.51 -11.30
N LYS A 17 4.16 -17.66 -10.33
CA LYS A 17 5.27 -18.62 -10.48
C LYS A 17 4.88 -20.06 -10.64
N LYS A 18 3.71 -20.43 -10.14
CA LYS A 18 3.12 -21.78 -10.19
C LYS A 18 1.96 -21.83 -11.18
N SER A 19 1.65 -20.72 -11.86
CA SER A 19 0.49 -20.56 -12.74
C SER A 19 -0.83 -20.85 -11.98
N LEU A 20 -0.90 -20.36 -10.72
CA LEU A 20 -2.13 -20.47 -9.93
C LEU A 20 -2.74 -19.08 -9.84
N GLU A 21 -4.05 -18.99 -9.93
CA GLU A 21 -4.73 -17.69 -9.86
C GLU A 21 -5.33 -17.51 -8.49
N ASP A 22 -5.33 -16.27 -7.96
CA ASP A 22 -6.03 -16.05 -6.70
C ASP A 22 -7.52 -15.94 -7.02
N LYS A 23 -8.36 -15.96 -5.98
CA LYS A 23 -9.82 -15.96 -6.13
C LYS A 23 -10.48 -14.71 -6.74
N THR A 24 -9.82 -13.54 -6.72
CA THR A 24 -10.47 -12.33 -7.27
C THR A 24 -9.67 -11.61 -8.38
N GLU A 25 -8.48 -12.10 -8.74
CA GLU A 25 -7.69 -11.43 -9.79
C GLU A 25 -8.42 -11.32 -11.15
N ARG A 26 -9.35 -12.27 -11.45
CA ARG A 26 -10.16 -12.24 -12.66
C ARG A 26 -11.03 -11.00 -12.69
N GLU A 27 -11.54 -10.54 -11.51
CA GLU A 27 -12.35 -9.31 -11.40
C GLU A 27 -11.53 -8.10 -11.90
N LEU A 28 -10.23 -8.10 -11.61
CA LEU A 28 -9.37 -7.01 -12.09
C LEU A 28 -9.23 -7.08 -13.60
N LEU A 29 -8.87 -8.27 -14.12
CA LEU A 29 -8.69 -8.48 -15.57
C LEU A 29 -9.95 -8.08 -16.35
N GLU A 30 -11.13 -8.50 -15.87
CA GLU A 30 -12.42 -8.18 -16.51
C GLU A 30 -12.71 -6.67 -16.58
N SER A 31 -12.14 -5.88 -15.64
CA SER A 31 -12.30 -4.42 -15.64
C SER A 31 -11.34 -3.73 -16.65
N TYR A 32 -10.35 -4.47 -17.17
CA TYR A 32 -9.35 -3.90 -18.10
C TYR A 32 -9.87 -4.11 -19.52
N ILE A 33 -10.82 -3.25 -19.90
CA ILE A 33 -11.60 -3.32 -21.14
C ILE A 33 -10.90 -2.93 -22.46
N ASP A 34 -9.66 -2.40 -22.42
CA ASP A 34 -8.95 -2.02 -23.63
C ASP A 34 -7.81 -2.97 -24.00
N GLY A 35 -7.75 -3.42 -25.16
N ILE B 1 -9.13 -1.88 6.34
CA ILE B 1 -9.94 -2.12 5.16
C ILE B 1 -11.38 -2.38 5.58
N VAL B 2 -12.31 -1.61 5.01
CA VAL B 2 -13.74 -1.75 5.29
C VAL B 2 -14.37 -2.52 4.15
N GLU B 3 -15.22 -3.51 4.45
CA GLU B 3 -15.98 -4.29 3.45
C GLU B 3 -15.07 -5.04 2.45
N GLY B 4 -13.95 -5.53 2.97
CA GLY B 4 -13.00 -6.32 2.18
C GLY B 4 -13.15 -7.77 2.59
N SER B 5 -12.11 -8.57 2.39
CA SER B 5 -12.16 -9.98 2.77
C SER B 5 -10.77 -10.41 3.22
N ASP B 6 -10.67 -11.56 3.87
CA ASP B 6 -9.35 -12.07 4.29
C ASP B 6 -8.52 -12.33 3.04
N ALA B 7 -7.24 -11.96 3.08
CA ALA B 7 -6.30 -12.23 1.99
C ALA B 7 -6.00 -13.73 1.96
N GLU B 8 -5.62 -14.23 0.80
CA GLU B 8 -5.16 -15.63 0.70
C GLU B 8 -3.70 -15.63 1.10
N ILE B 9 -3.17 -16.79 1.52
CA ILE B 9 -1.75 -16.91 1.88
C ILE B 9 -0.89 -16.61 0.63
N GLY B 10 0.10 -15.74 0.79
CA GLY B 10 1.02 -15.35 -0.28
C GLY B 10 0.39 -14.48 -1.35
N MET B 11 -0.80 -13.93 -1.09
CA MET B 11 -1.54 -13.07 -2.04
C MET B 11 -0.88 -11.72 -2.33
N SER B 12 -0.24 -11.09 -1.31
CA SER B 12 0.44 -9.78 -1.44
C SER B 12 1.79 -9.91 -0.78
N PRO B 13 2.74 -10.62 -1.42
CA PRO B 13 4.05 -10.88 -0.74
C PRO B 13 4.93 -9.66 -0.57
N TRP B 14 4.54 -8.54 -1.19
CA TRP B 14 5.21 -7.24 -1.04
C TRP B 14 4.57 -6.45 0.12
N GLN B 15 3.52 -6.96 0.77
CA GLN B 15 2.89 -6.22 1.88
C GLN B 15 3.86 -6.11 3.05
N VAL B 16 4.02 -4.88 3.55
CA VAL B 16 4.91 -4.65 4.69
C VAL B 16 4.07 -4.03 5.80
N MET B 17 4.36 -4.42 7.07
CA MET B 17 3.72 -3.77 8.21
C MET B 17 4.76 -2.82 8.84
N LEU B 18 4.36 -1.56 9.05
CA LEU B 18 5.23 -0.62 9.77
C LEU B 18 4.79 -0.75 11.22
N PHE B 19 5.74 -1.15 12.06
CA PHE B 19 5.44 -1.51 13.46
C PHE B 19 6.19 -0.62 14.45
N ARG B 20 5.42 0.07 15.33
CA ARG B 20 5.95 0.95 16.36
C ARG B 20 6.47 0.05 17.48
N LYS B 21 7.70 0.30 17.91
CA LYS B 21 8.37 -0.47 18.98
C LYS B 21 7.73 -0.28 20.35
N SER B 22 7.44 0.97 20.74
CA SER B 22 6.85 1.27 22.05
C SER B 22 5.89 2.46 21.98
N PRO B 23 4.58 2.26 22.27
CA PRO B 23 3.91 0.99 22.58
C PRO B 23 3.89 0.11 21.31
N GLN B 24 3.96 -1.22 21.48
CA GLN B 24 3.95 -2.21 20.38
C GLN B 24 2.62 -2.11 19.65
N GLU B 25 2.62 -1.49 18.45
CA GLU B 25 1.39 -1.32 17.67
C GLU B 25 1.61 -1.13 16.19
N LEU B 26 0.51 -1.26 15.42
CA LEU B 26 0.50 -1.07 13.98
C LEU B 26 0.64 0.42 13.72
N LEU B 27 1.66 0.79 12.96
CA LEU B 27 1.87 2.17 12.57
C LEU B 27 1.20 2.42 11.22
N CYS B 28 1.38 1.50 10.23
CA CYS B 28 0.93 1.75 8.88
C CYS B 28 1.20 0.51 8.04
N GLY B 29 0.76 0.54 6.79
CA GLY B 29 1.16 -0.43 5.78
C GLY B 29 2.34 0.18 5.05
N ALA B 30 2.93 -0.60 4.17
CA ALA B 30 4.05 -0.24 3.33
C ALA B 30 4.20 -1.34 2.28
N SER B 31 5.18 -1.20 1.39
CA SER B 31 5.39 -2.21 0.36
C SER B 31 6.87 -2.43 0.08
N LEU B 32 7.20 -3.66 -0.27
CA LEU B 32 8.58 -4.04 -0.57
C LEU B 32 8.84 -3.79 -2.07
N ILE B 33 9.83 -2.92 -2.40
CA ILE B 33 10.12 -2.63 -3.83
C ILE B 33 11.46 -3.22 -4.37
N SER B 34 12.34 -3.69 -3.46
CA SER B 34 13.61 -4.37 -3.73
C SER B 34 13.99 -5.10 -2.43
N ASP B 35 15.18 -5.71 -2.35
CA ASP B 35 15.58 -6.39 -1.13
C ASP B 35 15.99 -5.43 0.00
N ARG B 36 16.19 -4.13 -0.32
CA ARG B 36 16.60 -3.14 0.69
C ARG B 36 15.69 -1.93 0.79
N TRP B 37 14.70 -1.80 -0.12
CA TRP B 37 13.85 -0.60 -0.12
C TRP B 37 12.39 -0.87 0.11
N VAL B 38 11.80 -0.03 0.96
CA VAL B 38 10.39 -0.11 1.33
C VAL B 38 9.71 1.23 1.05
N LEU B 39 8.54 1.17 0.41
CA LEU B 39 7.77 2.35 0.05
C LEU B 39 6.60 2.51 0.98
N THR B 40 6.36 3.75 1.42
CA THR B 40 5.20 4.04 2.30
C THR B 40 4.67 5.48 2.02
N ALA B 41 3.69 5.91 2.81
CA ALA B 41 3.11 7.25 2.73
C ALA B 41 3.91 8.11 3.71
N ALA B 42 4.27 9.32 3.29
CA ALA B 42 5.00 10.24 4.19
C ALA B 42 4.22 10.52 5.49
N HIS B 43 2.87 10.57 5.45
CA HIS B 43 2.11 10.90 6.66
C HIS B 43 2.23 9.82 7.73
N CYS B 44 2.66 8.59 7.35
CA CYS B 44 2.90 7.51 8.30
C CYS B 44 4.06 7.86 9.21
N LEU B 45 5.02 8.63 8.69
CA LEU B 45 6.25 8.98 9.40
C LEU B 45 6.24 10.42 9.89
N LEU B 46 5.60 11.33 9.15
CA LEU B 46 5.61 12.74 9.53
C LEU B 46 4.26 13.34 9.35
N TYR B 47 3.63 13.71 10.46
CA TYR B 47 2.34 14.36 10.40
C TYR B 47 2.15 15.28 11.62
N PRO B 48 2.71 16.52 11.52
CA PRO B 48 2.61 17.51 12.64
C PRO B 48 1.21 17.75 13.23
N PRO B 49 0.08 17.78 12.48
CA PRO B 49 -1.21 17.96 13.14
C PRO B 49 -1.52 16.92 14.24
N TRP B 50 -0.95 15.70 14.13
CA TRP B 50 -1.18 14.65 15.14
C TRP B 50 0.08 14.35 15.93
N ASP B 51 1.07 15.28 15.94
CA ASP B 51 2.35 15.12 16.67
C ASP B 51 3.13 13.85 16.25
N LYS B 52 2.98 13.45 14.99
CA LYS B 52 3.70 12.30 14.46
C LYS B 52 4.99 12.79 13.79
N ASN B 53 6.13 12.28 14.25
CA ASN B 53 7.43 12.58 13.67
C ASN B 53 8.38 11.46 14.05
N PHE B 54 8.22 10.29 13.42
CA PHE B 54 9.05 9.12 13.73
C PHE B 54 10.44 9.16 13.14
N THR B 55 11.42 8.66 13.91
CA THR B 55 12.80 8.52 13.42
C THR B 55 13.03 7.03 13.18
N GLU B 56 14.15 6.67 12.55
CA GLU B 56 14.52 5.29 12.19
C GLU B 56 14.37 4.30 13.33
N ASN B 57 14.86 4.65 14.52
CA ASN B 57 14.85 3.75 15.67
C ASN B 57 13.52 3.55 16.35
N ASP B 58 12.51 4.37 16.01
CA ASP B 58 11.18 4.25 16.61
C ASP B 58 10.40 3.08 16.04
N LEU B 59 10.84 2.53 14.92
CA LEU B 59 10.04 1.46 14.31
C LEU B 59 10.81 0.32 13.66
N LEU B 60 10.05 -0.71 13.29
CA LEU B 60 10.51 -1.90 12.63
C LEU B 60 9.65 -2.14 11.42
N VAL B 61 10.21 -2.86 10.44
CA VAL B 61 9.51 -3.26 9.22
C VAL B 61 9.29 -4.79 9.35
N ARG B 62 8.03 -5.24 9.26
CA ARG B 62 7.67 -6.65 9.36
C ARG B 62 7.12 -7.14 7.99
N ILE B 63 7.88 -8.01 7.32
CA ILE B 63 7.61 -8.50 5.96
C ILE B 63 7.23 -9.99 5.96
N GLY B 64 6.31 -10.37 5.07
CA GLY B 64 5.84 -11.75 4.92
C GLY B 64 4.69 -12.09 5.84
N LYS B 65 4.04 -11.07 6.42
CA LYS B 65 2.99 -11.31 7.40
C LYS B 65 1.62 -11.59 6.80
N HIS B 66 0.78 -12.23 7.61
CA HIS B 66 -0.61 -12.51 7.26
C HIS B 66 -1.46 -12.12 8.48
N SER B 67 -1.20 -12.78 9.62
CA SER B 67 -1.85 -12.45 10.89
C SER B 67 -1.42 -11.01 11.30
N ARG B 68 -2.35 -10.21 11.79
CA ARG B 68 -2.06 -8.85 12.27
C ARG B 68 -1.16 -8.84 13.51
N THR B 69 -1.59 -9.53 14.59
CA THR B 69 -0.91 -9.46 15.90
C THR B 69 0.12 -10.51 16.24
N ARG B 70 0.06 -11.65 15.57
CA ARG B 70 0.93 -12.74 15.95
C ARG B 70 2.30 -12.71 15.39
N TYR B 71 3.28 -13.27 16.15
CA TYR B 71 4.64 -13.36 15.68
C TYR B 71 4.74 -14.65 14.82
N GLU B 72 4.80 -14.46 13.50
CA GLU B 72 4.78 -15.55 12.51
C GLU B 72 6.15 -16.14 12.25
N ARG B 73 6.59 -16.92 13.27
CA ARG B 73 7.88 -17.60 13.36
C ARG B 73 8.09 -18.40 12.09
N ASN B 74 9.28 -18.30 11.50
CA ASN B 74 9.76 -18.95 10.27
C ASN B 74 9.07 -18.44 8.98
N ILE B 75 8.20 -17.42 9.11
CA ILE B 75 7.45 -16.89 7.97
C ILE B 75 7.81 -15.43 7.79
N GLU B 76 7.47 -14.61 8.78
CA GLU B 76 7.81 -13.17 8.70
C GLU B 76 9.27 -12.93 8.97
N LYS B 77 9.77 -11.81 8.45
CA LYS B 77 11.12 -11.33 8.67
C LYS B 77 10.99 -9.90 9.20
N ILE B 78 11.77 -9.57 10.24
CA ILE B 78 11.71 -8.25 10.89
C ILE B 78 13.00 -7.53 10.57
N SER B 79 12.87 -6.32 10.00
CA SER B 79 14.00 -5.52 9.59
C SER B 79 14.04 -4.17 10.28
N MET B 80 15.26 -3.65 10.45
CA MET B 80 15.51 -2.36 11.06
C MET B 80 15.72 -1.38 9.93
N LEU B 81 15.47 -0.10 10.21
CA LEU B 81 15.61 0.96 9.23
C LEU B 81 16.97 1.60 9.35
N GLU B 82 17.65 1.75 8.21
CA GLU B 82 18.94 2.43 8.11
C GLU B 82 18.63 3.93 7.97
N LYS B 83 17.70 4.29 7.04
CA LYS B 83 17.36 5.69 6.77
C LYS B 83 15.98 5.86 6.15
N ILE B 84 15.28 6.94 6.55
CA ILE B 84 13.97 7.37 6.04
C ILE B 84 14.23 8.53 5.09
N TYR B 85 13.48 8.59 3.97
CA TYR B 85 13.57 9.68 2.99
C TYR B 85 12.15 10.07 2.68
N ILE B 86 11.73 11.25 3.14
CA ILE B 86 10.38 11.78 2.89
C ILE B 86 10.46 12.73 1.68
N HIS B 87 9.45 12.71 0.75
CA HIS B 87 9.47 13.63 -0.40
C HIS B 87 9.73 15.09 0.08
N PRO B 88 10.70 15.86 -0.49
CA PRO B 88 10.93 17.23 0.04
C PRO B 88 9.76 18.18 -0.18
N ARG B 89 8.83 17.86 -1.10
CA ARG B 89 7.66 18.69 -1.35
C ARG B 89 6.36 18.09 -0.85
N TYR B 90 6.45 17.10 0.09
CA TYR B 90 5.28 16.51 0.74
C TYR B 90 4.50 17.64 1.46
N ASN B 91 3.20 17.76 1.16
CA ASN B 91 2.33 18.82 1.72
C ASN B 91 1.44 18.31 2.82
N TRP B 92 1.94 18.24 4.05
CA TRP B 92 1.10 17.80 5.18
C TRP B 92 0.12 18.86 5.67
N ARG B 93 0.35 20.16 5.30
CA ARG B 93 -0.50 21.26 5.80
C ARG B 93 -1.89 21.29 5.25
N GLU B 94 -2.06 20.87 3.99
CA GLU B 94 -3.33 21.00 3.31
C GLU B 94 -4.02 19.70 2.85
N ASN B 95 -3.42 19.01 1.88
CA ASN B 95 -4.11 17.89 1.22
C ASN B 95 -3.28 16.63 1.05
N LEU B 96 -2.11 16.58 1.74
CA LEU B 96 -1.18 15.42 1.70
C LEU B 96 -0.64 15.22 0.29
N ASP B 97 -0.43 16.33 -0.45
CA ASP B 97 0.13 16.26 -1.80
C ASP B 97 1.54 15.68 -1.69
N ARG B 98 1.89 14.74 -2.59
CA ARG B 98 3.16 14.01 -2.65
C ARG B 98 3.38 13.23 -1.33
N ASP B 99 2.34 12.48 -0.92
CA ASP B 99 2.35 11.69 0.32
C ASP B 99 3.15 10.41 0.06
N ILE B 100 4.47 10.54 0.08
CA ILE B 100 5.36 9.43 -0.28
C ILE B 100 6.63 9.46 0.52
N ALA B 101 7.10 8.27 0.93
CA ALA B 101 8.39 8.18 1.62
C ALA B 101 9.04 6.85 1.31
N LEU B 102 10.38 6.81 1.31
CA LEU B 102 11.16 5.58 1.16
C LEU B 102 11.89 5.31 2.48
N MET B 103 12.15 4.03 2.75
CA MET B 103 12.89 3.57 3.92
C MET B 103 13.89 2.53 3.42
N LYS B 104 15.18 2.79 3.67
CA LYS B 104 16.28 1.88 3.34
C LYS B 104 16.47 0.94 4.53
N LEU B 105 16.53 -0.38 4.25
CA LEU B 105 16.71 -1.36 5.32
C LEU B 105 18.17 -1.50 5.65
N LYS B 106 18.46 -1.82 6.91
CA LYS B 106 19.86 -2.01 7.33
C LYS B 106 20.54 -3.17 6.60
N LYS B 107 19.83 -4.29 6.43
CA LYS B 107 20.33 -5.48 5.74
C LYS B 107 19.32 -5.89 4.65
N PRO B 108 19.76 -6.54 3.55
CA PRO B 108 18.77 -6.99 2.56
C PRO B 108 17.87 -8.08 3.13
N VAL B 109 16.59 -8.06 2.74
CA VAL B 109 15.66 -9.10 3.18
C VAL B 109 15.79 -10.27 2.19
N ALA B 110 15.67 -11.51 2.68
CA ALA B 110 15.70 -12.66 1.78
C ALA B 110 14.30 -12.95 1.25
N PHE B 111 14.16 -13.13 -0.07
CA PHE B 111 12.85 -13.43 -0.66
C PHE B 111 12.46 -14.87 -0.33
N SER B 112 11.15 -15.14 -0.30
CA SER B 112 10.62 -16.46 0.05
C SER B 112 9.25 -16.56 -0.61
N ASP B 113 8.46 -17.61 -0.26
CA ASP B 113 7.10 -17.74 -0.80
C ASP B 113 6.17 -16.59 -0.34
N TYR B 114 6.52 -15.97 0.79
CA TYR B 114 5.70 -14.95 1.45
C TYR B 114 6.24 -13.53 1.32
N ILE B 115 7.47 -13.39 0.79
CA ILE B 115 8.22 -12.11 0.68
C ILE B 115 8.75 -11.98 -0.71
N HIS B 116 8.29 -10.95 -1.42
CA HIS B 116 8.66 -10.76 -2.82
C HIS B 116 8.32 -9.33 -3.23
N PRO B 117 9.17 -8.65 -4.00
CA PRO B 117 8.84 -7.25 -4.36
C PRO B 117 7.81 -7.10 -5.46
N VAL B 118 7.10 -5.96 -5.40
CA VAL B 118 6.11 -5.57 -6.39
C VAL B 118 6.88 -4.71 -7.43
N CYS B 119 6.38 -4.60 -8.67
CA CYS B 119 6.98 -3.70 -9.66
C CYS B 119 6.48 -2.29 -9.46
N LEU B 120 7.31 -1.34 -9.92
CA LEU B 120 6.90 0.06 -10.00
C LEU B 120 6.61 0.33 -11.45
N PRO B 121 5.53 1.08 -11.75
CA PRO B 121 5.17 1.30 -13.16
C PRO B 121 6.10 2.25 -13.91
N ASP B 122 6.16 2.09 -15.23
CA ASP B 122 6.84 3.03 -16.10
C ASP B 122 5.72 3.87 -16.73
N ARG B 123 6.06 4.87 -17.57
CA ARG B 123 5.05 5.75 -18.19
C ARG B 123 3.96 4.98 -18.94
N GLU B 124 4.35 3.94 -19.69
CA GLU B 124 3.35 3.18 -20.44
C GLU B 124 2.41 2.33 -19.59
N THR B 125 2.91 1.75 -18.48
CA THR B 125 2.09 0.96 -17.55
C THR B 125 1.00 1.86 -17.00
N ALA B 126 1.42 3.04 -16.49
CA ALA B 126 0.53 4.05 -15.92
C ALA B 126 -0.50 4.53 -16.93
N ALA B 127 -0.08 4.85 -18.15
CA ALA B 127 -1.00 5.31 -19.20
C ALA B 127 -2.02 4.21 -19.55
N SER B 128 -1.57 2.96 -19.65
CA SER B 128 -2.49 1.87 -19.99
C SER B 128 -3.41 1.39 -18.87
N LEU B 129 -2.97 1.42 -17.60
CA LEU B 129 -3.78 0.92 -16.48
C LEU B 129 -4.58 1.95 -15.66
N LEU B 130 -4.05 3.17 -15.49
CA LEU B 130 -4.72 4.21 -14.69
C LEU B 130 -5.85 4.87 -15.43
N GLN B 131 -6.92 4.12 -15.63
CA GLN B 131 -8.08 4.56 -16.40
C GLN B 131 -9.29 4.35 -15.57
N ALA B 132 -10.21 5.33 -15.58
CA ALA B 132 -11.48 5.24 -14.85
C ALA B 132 -12.20 3.91 -15.18
N GLY B 133 -12.65 3.22 -14.14
CA GLY B 133 -13.31 1.93 -14.26
C GLY B 133 -12.39 0.74 -14.07
N TYR B 134 -11.09 0.90 -14.38
CA TYR B 134 -10.11 -0.18 -14.22
C TYR B 134 -9.94 -0.43 -12.73
N LYS B 135 -9.90 -1.70 -12.32
CA LYS B 135 -9.77 -2.00 -10.90
C LYS B 135 -8.37 -2.28 -10.42
N GLY B 136 -8.12 -1.83 -9.21
CA GLY B 136 -6.87 -2.11 -8.51
C GLY B 136 -7.21 -2.82 -7.22
N ARG B 137 -6.18 -3.19 -6.46
CA ARG B 137 -6.37 -3.94 -5.22
C ARG B 137 -5.64 -3.25 -4.08
N VAL B 138 -6.34 -3.11 -2.94
CA VAL B 138 -5.78 -2.46 -1.75
C VAL B 138 -5.75 -3.48 -0.63
N THR B 139 -4.66 -3.51 0.13
CA THR B 139 -4.49 -4.45 1.23
C THR B 139 -4.01 -3.73 2.50
N GLY B 140 -4.35 -4.27 3.67
CA GLY B 140 -3.88 -3.69 4.92
C GLY B 140 -4.50 -4.32 6.15
N TRP B 141 -3.95 -3.97 7.31
CA TRP B 141 -4.43 -4.48 8.61
C TRP B 141 -5.13 -3.37 9.37
N GLY B 142 -5.59 -2.36 8.65
CA GLY B 142 -6.26 -1.22 9.27
C GLY B 142 -7.68 -1.51 9.69
N ASN B 143 -8.35 -0.49 10.23
CA ASN B 143 -9.72 -0.58 10.72
C ASN B 143 -10.71 -1.28 9.76
N LEU B 144 -11.55 -2.16 10.33
CA LEU B 144 -12.61 -2.82 9.58
C LEU B 144 -13.81 -1.89 9.43
N LYS B 145 -13.90 -0.85 10.29
CA LYS B 145 -15.01 0.10 10.27
C LYS B 145 -14.45 1.47 10.58
N GLU B 146 -15.09 2.53 10.07
CA GLU B 146 -14.72 3.92 10.34
C GLU B 146 -14.72 4.19 11.86
N THR B 147 -15.77 3.74 12.56
CA THR B 147 -15.95 3.89 14.01
C THR B 147 -15.94 2.48 14.65
N TRP B 148 -16.77 1.64 14.26
N GLY B 155 -13.90 -4.49 14.65
CA GLY B 155 -12.94 -3.41 14.80
C GLY B 155 -11.63 -3.58 14.03
N GLN B 156 -10.74 -4.43 14.55
CA GLN B 156 -9.44 -4.71 13.94
C GLN B 156 -9.39 -6.15 13.42
N PRO B 157 -8.86 -6.39 12.19
CA PRO B 157 -8.90 -7.75 11.64
C PRO B 157 -7.89 -8.72 12.26
N SER B 158 -8.20 -10.03 12.16
CA SER B 158 -7.27 -11.07 12.63
C SER B 158 -6.17 -11.24 11.58
N VAL B 159 -6.52 -11.16 10.28
CA VAL B 159 -5.56 -11.33 9.20
C VAL B 159 -5.62 -10.20 8.16
N LEU B 160 -4.59 -10.14 7.32
CA LEU B 160 -4.50 -9.14 6.22
C LEU B 160 -5.82 -9.12 5.43
N GLN B 161 -6.32 -7.93 5.16
CA GLN B 161 -7.56 -7.76 4.41
C GLN B 161 -7.26 -7.29 3.01
N VAL B 162 -8.17 -7.60 2.07
CA VAL B 162 -8.04 -7.24 0.66
C VAL B 162 -9.35 -6.68 0.11
N VAL B 163 -9.27 -5.68 -0.76
CA VAL B 163 -10.46 -5.18 -1.44
C VAL B 163 -10.06 -4.76 -2.85
N ASN B 164 -10.89 -5.10 -3.85
CA ASN B 164 -10.68 -4.66 -5.23
C ASN B 164 -11.59 -3.49 -5.47
N LEU B 165 -11.04 -2.38 -6.00
CA LEU B 165 -11.77 -1.12 -6.20
C LEU B 165 -11.48 -0.49 -7.54
N PRO B 166 -12.54 0.08 -8.18
CA PRO B 166 -12.33 0.77 -9.46
C PRO B 166 -11.79 2.18 -9.29
N ILE B 167 -10.92 2.59 -10.23
CA ILE B 167 -10.38 3.94 -10.30
C ILE B 167 -11.59 4.81 -10.74
N VAL B 168 -11.73 5.99 -10.12
CA VAL B 168 -12.87 6.88 -10.40
C VAL B 168 -12.42 8.06 -11.26
N GLU B 169 -13.33 8.55 -12.14
CA GLU B 169 -13.16 9.72 -13.01
C GLU B 169 -12.71 10.92 -12.17
N ARG B 170 -11.68 11.67 -12.62
CA ARG B 170 -11.15 12.83 -11.88
C ARG B 170 -12.21 13.89 -11.51
N PRO B 171 -13.17 14.26 -12.40
CA PRO B 171 -14.23 15.21 -11.99
C PRO B 171 -15.10 14.66 -10.87
N VAL B 172 -15.37 13.34 -10.86
CA VAL B 172 -16.18 12.71 -9.81
C VAL B 172 -15.39 12.72 -8.48
N CYS B 173 -14.06 12.47 -8.51
CA CYS B 173 -13.21 12.55 -7.32
C CYS B 173 -13.29 13.99 -6.77
N LYS B 174 -13.08 14.99 -7.67
CA LYS B 174 -13.09 16.41 -7.38
C LYS B 174 -14.42 16.86 -6.73
N ASP B 175 -15.54 16.39 -7.28
CA ASP B 175 -16.89 16.75 -6.84
C ASP B 175 -17.35 16.09 -5.56
N SER B 176 -16.57 15.12 -5.04
CA SER B 176 -16.93 14.42 -3.82
C SER B 176 -16.40 15.11 -2.57
N THR B 177 -15.51 16.09 -2.73
CA THR B 177 -14.81 16.68 -1.59
C THR B 177 -14.60 18.18 -1.71
N ARG B 178 -14.34 18.86 -0.56
CA ARG B 178 -13.99 20.29 -0.56
C ARG B 178 -12.47 20.43 -0.65
N ILE B 179 -11.74 19.31 -0.46
CA ILE B 179 -10.26 19.31 -0.49
C ILE B 179 -9.77 19.48 -1.92
N ARG B 180 -8.68 20.24 -2.10
CA ARG B 180 -8.09 20.40 -3.41
C ARG B 180 -7.29 19.15 -3.80
N ILE B 181 -7.63 18.58 -4.95
CA ILE B 181 -7.00 17.36 -5.50
C ILE B 181 -5.89 17.77 -6.46
N THR B 182 -4.77 17.06 -6.46
CA THR B 182 -3.68 17.39 -7.38
C THR B 182 -3.48 16.22 -8.35
N ASP B 183 -2.59 16.41 -9.36
CA ASP B 183 -2.25 15.35 -10.32
C ASP B 183 -1.45 14.21 -9.68
N ASN B 184 -0.93 14.42 -8.45
CA ASN B 184 -0.16 13.42 -7.67
C ASN B 184 -1.08 12.48 -6.89
N MET B 185 -2.38 12.58 -7.11
CA MET B 185 -3.38 11.77 -6.42
C MET B 185 -4.35 11.22 -7.42
N PHE B 186 -5.03 10.12 -7.03
CA PHE B 186 -6.14 9.59 -7.80
C PHE B 186 -7.10 9.03 -6.75
N CYS B 187 -8.37 8.87 -7.12
CA CYS B 187 -9.31 8.29 -6.16
C CYS B 187 -9.94 7.00 -6.68
N ALA B 188 -10.37 6.13 -5.77
CA ALA B 188 -10.94 4.83 -6.16
C ALA B 188 -12.02 4.43 -5.19
N GLY B 189 -12.95 3.63 -5.67
CA GLY B 189 -14.06 3.15 -4.88
C GLY B 189 -15.33 3.12 -5.70
N TYR B 190 -16.32 2.44 -5.16
CA TYR B 190 -17.60 2.33 -5.86
C TYR B 190 -18.50 3.55 -5.59
N LYS B 191 -19.35 3.85 -6.55
CA LYS B 191 -20.34 4.93 -6.45
C LYS B 191 -21.59 4.38 -5.71
N PRO B 192 -22.44 5.24 -5.09
CA PRO B 192 -23.64 4.71 -4.40
C PRO B 192 -24.54 3.84 -5.31
N ASP B 193 -24.63 4.16 -6.61
CA ASP B 193 -25.42 3.42 -7.62
C ASP B 193 -24.89 2.02 -7.91
N GLU B 194 -23.54 1.84 -7.82
CA GLU B 194 -22.84 0.58 -8.12
C GLU B 194 -23.17 -0.63 -7.23
N GLY B 195 -23.75 -0.39 -6.06
CA GLY B 195 -24.15 -1.44 -5.13
C GLY B 195 -23.01 -1.90 -4.21
N LYS B 196 -21.90 -2.35 -4.80
CA LYS B 196 -20.70 -2.86 -4.12
C LYS B 196 -20.03 -1.78 -3.27
N ARG B 197 -19.33 -2.18 -2.20
CA ARG B 197 -18.69 -1.28 -1.22
C ARG B 197 -17.19 -1.58 -1.10
N GLY B 198 -16.53 -0.89 -0.19
CA GLY B 198 -15.11 -1.11 0.07
C GLY B 198 -14.29 0.14 0.09
N ASP B 199 -13.30 0.16 0.98
CA ASP B 199 -12.39 1.29 1.16
C ASP B 199 -11.27 0.92 2.07
N ALA B 200 -10.19 1.70 2.00
CA ALA B 200 -9.10 1.64 2.92
C ALA B 200 -9.56 2.47 4.14
N CYS B 201 -8.89 2.37 5.27
CA CYS B 201 -9.27 3.13 6.45
C CYS B 201 -8.02 3.36 7.29
N GLU B 202 -8.15 4.00 8.51
CA GLU B 202 -7.06 4.22 9.46
CA GLU B 202 -7.03 4.22 9.43
C GLU B 202 -6.26 2.90 9.65
N GLY B 203 -4.94 2.98 9.58
CA GLY B 203 -4.08 1.81 9.71
C GLY B 203 -3.65 1.18 8.38
N ASP B 204 -4.39 1.46 7.28
CA ASP B 204 -4.09 0.97 5.93
C ASP B 204 -3.13 1.91 5.20
N SER B 205 -3.01 3.15 5.71
CA SER B 205 -2.14 4.17 5.11
C SER B 205 -0.78 3.60 4.85
N GLY B 206 -0.21 3.99 3.71
CA GLY B 206 1.11 3.58 3.33
C GLY B 206 1.12 2.28 2.54
N GLY B 207 0.01 1.55 2.61
CA GLY B 207 -0.12 0.27 1.92
C GLY B 207 -0.25 0.47 0.43
N PRO B 208 -0.10 -0.62 -0.35
CA PRO B 208 -0.18 -0.48 -1.82
C PRO B 208 -1.54 -0.59 -2.48
N PHE B 209 -1.76 0.16 -3.58
CA PHE B 209 -2.91 0.00 -4.48
C PHE B 209 -2.23 -0.64 -5.72
N VAL B 210 -2.52 -1.93 -6.01
CA VAL B 210 -1.83 -2.64 -7.11
C VAL B 210 -2.76 -3.02 -8.23
N MET B 211 -2.18 -3.26 -9.41
CA MET B 211 -2.95 -3.68 -10.58
C MET B 211 -2.13 -4.76 -11.29
N LYS B 212 -2.81 -5.73 -11.87
CA LYS B 212 -2.06 -6.81 -12.56
C LYS B 212 -2.08 -6.54 -14.03
N SER B 213 -0.90 -6.25 -14.60
CA SER B 213 -0.84 -5.95 -16.02
C SER B 213 -1.36 -7.13 -16.86
N PRO B 214 -2.36 -6.89 -17.74
CA PRO B 214 -2.83 -7.98 -18.63
C PRO B 214 -1.84 -8.25 -19.79
N PHE B 215 -0.81 -7.42 -19.92
CA PHE B 215 0.21 -7.51 -20.98
C PHE B 215 1.38 -8.42 -20.61
N ASN B 216 1.90 -8.30 -19.38
CA ASN B 216 3.04 -9.12 -18.94
C ASN B 216 2.74 -9.94 -17.65
N ASN B 217 1.49 -9.88 -17.17
CA ASN B 217 0.98 -10.62 -16.01
C ASN B 217 1.73 -10.35 -14.69
N ARG B 218 2.29 -9.15 -14.55
CA ARG B 218 3.03 -8.71 -13.36
C ARG B 218 2.21 -7.70 -12.58
N TRP B 219 2.37 -7.72 -11.27
CA TRP B 219 1.68 -6.78 -10.41
C TRP B 219 2.50 -5.54 -10.30
N TYR B 220 1.84 -4.38 -10.49
CA TYR B 220 2.42 -3.05 -10.40
C TYR B 220 1.78 -2.23 -9.28
N GLN B 221 2.58 -1.54 -8.47
CA GLN B 221 2.01 -0.68 -7.45
C GLN B 221 1.75 0.70 -8.09
N MET B 222 0.48 0.98 -8.32
CA MET B 222 0.08 2.24 -8.94
C MET B 222 -0.18 3.31 -7.87
N GLY B 223 -0.64 2.88 -6.70
CA GLY B 223 -0.99 3.84 -5.64
C GLY B 223 -0.48 3.52 -4.25
N ILE B 224 -0.52 4.53 -3.37
CA ILE B 224 -0.20 4.36 -1.96
C ILE B 224 -1.43 4.86 -1.22
N VAL B 225 -1.97 4.07 -0.26
CA VAL B 225 -3.10 4.48 0.58
C VAL B 225 -2.71 5.82 1.24
N SER B 226 -3.46 6.89 0.95
CA SER B 226 -3.09 8.19 1.48
C SER B 226 -4.14 8.80 2.40
N TRP B 227 -5.32 9.10 1.90
CA TRP B 227 -6.33 9.75 2.76
C TRP B 227 -7.73 9.52 2.30
N GLY B 228 -8.65 9.96 3.15
CA GLY B 228 -10.09 9.90 2.90
C GLY B 228 -10.79 10.75 3.94
N GLU B 229 -12.11 10.83 3.86
CA GLU B 229 -12.93 11.58 4.81
C GLU B 229 -13.89 10.55 5.34
N GLY B 230 -13.53 9.99 6.48
CA GLY B 230 -14.20 8.82 7.02
C GLY B 230 -13.74 7.60 6.22
N CYS B 231 -14.51 6.49 6.27
CA CYS B 231 -14.21 5.24 5.55
C CYS B 231 -15.47 4.63 5.01
N ASP B 232 -15.47 4.25 3.72
CA ASP B 232 -16.59 3.59 3.05
C ASP B 232 -17.92 4.35 3.11
N ARG B 233 -17.87 5.68 3.09
CA ARG B 233 -19.08 6.50 3.09
C ARG B 233 -19.56 6.60 1.68
N ASP B 234 -20.91 6.63 1.47
CA ASP B 234 -21.50 6.81 0.14
C ASP B 234 -21.17 8.19 -0.40
N GLY B 235 -20.82 8.24 -1.68
CA GLY B 235 -20.46 9.47 -2.37
C GLY B 235 -19.08 10.00 -2.06
N LYS B 236 -18.29 9.26 -1.24
CA LYS B 236 -16.88 9.57 -0.89
C LYS B 236 -15.99 8.46 -1.48
N TYR B 237 -14.70 8.78 -1.71
CA TYR B 237 -13.76 7.84 -2.32
C TYR B 237 -12.43 7.88 -1.57
N GLY B 238 -11.66 6.80 -1.67
CA GLY B 238 -10.34 6.76 -1.06
C GLY B 238 -9.36 7.46 -1.95
N PHE B 239 -8.39 8.16 -1.37
CA PHE B 239 -7.39 8.86 -2.19
C PHE B 239 -6.04 8.19 -2.05
N TYR B 240 -5.35 8.07 -3.18
CA TYR B 240 -4.09 7.37 -3.30
C TYR B 240 -3.01 8.24 -3.91
N THR B 241 -1.77 8.08 -3.40
CA THR B 241 -0.62 8.77 -3.98
C THR B 241 -0.38 8.12 -5.35
N HIS B 242 -0.15 8.95 -6.40
CA HIS B 242 0.09 8.46 -7.76
C HIS B 242 1.57 8.13 -7.84
N VAL B 243 1.90 6.84 -7.77
CA VAL B 243 3.29 6.36 -7.74
C VAL B 243 4.11 6.80 -8.97
N PHE B 244 3.57 6.57 -10.18
CA PHE B 244 4.31 6.95 -11.39
C PHE B 244 4.67 8.46 -11.44
N ARG B 245 3.73 9.34 -11.06
CA ARG B 245 3.96 10.79 -11.05
C ARG B 245 5.15 11.18 -10.20
N LEU B 246 5.50 10.32 -9.21
CA LEU B 246 6.59 10.61 -8.29
C LEU B 246 7.77 9.66 -8.47
N LYS B 247 7.79 8.89 -9.57
CA LYS B 247 8.87 7.93 -9.79
C LYS B 247 10.25 8.57 -9.99
N LYS B 248 10.29 9.77 -10.60
CA LYS B 248 11.55 10.48 -10.78
C LYS B 248 12.19 10.71 -9.42
N TRP B 249 11.38 11.06 -8.39
CA TRP B 249 11.91 11.22 -7.03
C TRP B 249 12.40 9.87 -6.47
N ILE B 250 11.60 8.80 -6.66
CA ILE B 250 11.94 7.44 -6.16
C ILE B 250 13.31 7.03 -6.72
N GLN B 251 13.46 7.14 -8.04
CA GLN B 251 14.69 6.79 -8.76
C GLN B 251 15.87 7.62 -8.27
N LYS B 252 15.69 8.95 -8.10
CA LYS B 252 16.74 9.85 -7.59
C LYS B 252 17.27 9.39 -6.22
N VAL B 253 16.35 9.11 -5.27
CA VAL B 253 16.71 8.63 -3.92
C VAL B 253 17.45 7.29 -4.01
N ILE B 254 16.90 6.33 -4.79
CA ILE B 254 17.52 5.00 -4.92
C ILE B 254 18.90 5.12 -5.60
N ASP B 255 19.00 5.84 -6.74
CA ASP B 255 20.28 6.03 -7.44
C ASP B 255 21.37 6.66 -6.54
N GLN B 256 21.01 7.70 -5.78
CA GLN B 256 21.93 8.40 -4.87
C GLN B 256 22.32 7.62 -3.60
N PHE B 257 21.36 6.96 -2.95
CA PHE B 257 21.60 6.29 -1.67
C PHE B 257 21.65 4.76 -1.64
N GLY B 258 21.22 4.12 -2.72
CA GLY B 258 21.17 2.66 -2.82
C GLY B 258 22.25 2.15 -3.73
N GLU B 259 21.92 1.44 -4.71
N ASP C 3 -2.26 -6.06 22.52
CA ASP C 3 -2.80 -7.22 21.82
C ASP C 3 -1.81 -7.89 20.83
N PHE C 4 -0.62 -7.30 20.66
CA PHE C 4 0.41 -7.84 19.78
C PHE C 4 1.30 -8.80 20.55
N GLU C 5 1.55 -9.98 19.96
CA GLU C 5 2.41 -10.98 20.56
C GLU C 5 3.83 -10.44 20.55
N GLU C 6 4.57 -10.74 21.63
CA GLU C 6 5.96 -10.31 21.76
C GLU C 6 6.79 -10.86 20.62
N ILE C 7 7.71 -10.04 20.14
CA ILE C 7 8.63 -10.43 19.10
C ILE C 7 9.99 -10.79 19.75
N PRO C 8 10.83 -11.65 19.15
CA PRO C 8 12.12 -11.98 19.78
C PRO C 8 12.98 -10.75 20.14
N GLY C 9 13.68 -10.84 21.26
CA GLY C 9 14.56 -9.79 21.80
C GLY C 9 15.61 -9.28 20.82
N GLU C 10 16.07 -10.17 19.90
CA GLU C 10 17.05 -9.87 18.85
C GLU C 10 16.62 -8.69 17.96
N LEU C 12 15.22 -5.87 19.07
CA LEU C 12 15.34 -4.66 19.90
C LEU C 12 14.00 -4.14 20.42
#